data_1K66
#
_entry.id   1K66
#
_cell.length_a   72.180
_cell.length_b   72.180
_cell.length_c   142.782
_cell.angle_alpha   90.00
_cell.angle_beta   90.00
_cell.angle_gamma   90.00
#
_symmetry.space_group_name_H-M   'P 41 21 2'
#
loop_
_entity.id
_entity.type
_entity.pdbx_description
1 polymer 'Phytochrome Response Regulator RcpB'
2 non-polymer BETA-MERCAPTOETHANOL
3 water water
#
_entity_poly.entity_id   1
_entity_poly.type   'polypeptide(L)'
_entity_poly.pdbx_seq_one_letter_code
;AVGNATQPLLVVEDSDEDFSTFQRLLQREGVVNPIYRCITGDQALDFLYQTGSYCNPDIAPRPAVILLDLNLPGTDGREV
LQEIKQDEVLKKIPVVIMTTSSNPKDIEICYSYSISSYIVKPLEIDRLTETVQTFIKYWLDIVVLPEMG
;
_entity_poly.pdbx_strand_id   A,B
#
loop_
_chem_comp.id
_chem_comp.type
_chem_comp.name
_chem_comp.formula
BME non-polymer BETA-MERCAPTOETHANOL 'C2 H6 O S'
#
# COMPACT_ATOMS: atom_id res chain seq x y z
N ALA A 1 22.50 8.12 0.02
CA ALA A 1 21.33 8.34 -0.88
C ALA A 1 20.35 7.17 -0.81
N VAL A 2 19.09 7.44 -1.16
CA VAL A 2 18.06 6.42 -1.14
C VAL A 2 17.12 6.63 -2.34
N GLY A 3 16.54 5.54 -2.82
CA GLY A 3 15.63 5.65 -3.95
C GLY A 3 16.24 5.32 -5.30
N ASN A 4 15.46 5.55 -6.34
CA ASN A 4 15.89 5.26 -7.71
C ASN A 4 15.62 6.50 -8.57
N ALA A 5 16.68 7.03 -9.18
CA ALA A 5 16.58 8.22 -10.01
C ALA A 5 15.70 8.03 -11.25
N THR A 6 15.35 6.78 -11.55
CA THR A 6 14.53 6.51 -12.74
C THR A 6 13.05 6.29 -12.41
N GLN A 7 12.70 6.31 -11.13
CA GLN A 7 11.30 6.09 -10.72
C GLN A 7 10.69 7.37 -10.14
N PRO A 8 10.00 8.14 -10.98
CA PRO A 8 9.37 9.39 -10.50
C PRO A 8 8.27 9.23 -9.47
N LEU A 9 8.17 10.23 -8.61
CA LEU A 9 7.13 10.27 -7.59
C LEU A 9 6.28 11.48 -7.97
N LEU A 10 5.00 11.24 -8.23
CA LEU A 10 4.09 12.32 -8.58
C LEU A 10 3.35 12.70 -7.30
N VAL A 11 3.49 13.95 -6.88
CA VAL A 11 2.83 14.43 -5.67
C VAL A 11 1.74 15.42 -6.05
N VAL A 12 0.48 15.08 -5.75
CA VAL A 12 -0.63 15.96 -6.05
C VAL A 12 -1.00 16.63 -4.74
N GLU A 13 -0.50 17.85 -4.57
CA GLU A 13 -0.69 18.62 -3.35
C GLU A 13 -0.88 20.09 -3.65
N ASP A 14 -1.97 20.68 -3.19
CA ASP A 14 -2.22 22.09 -3.44
C ASP A 14 -1.68 23.04 -2.37
N SER A 15 -1.35 22.51 -1.20
CA SER A 15 -0.79 23.36 -0.14
C SER A 15 0.70 23.53 -0.35
N ASP A 16 1.13 24.77 -0.61
CA ASP A 16 2.55 25.04 -0.83
C ASP A 16 3.37 24.68 0.40
N GLU A 17 2.87 25.02 1.58
CA GLU A 17 3.61 24.71 2.80
C GLU A 17 3.70 23.20 3.02
N ASP A 18 2.61 22.48 2.81
CA ASP A 18 2.63 21.02 2.97
C ASP A 18 3.65 20.42 2.01
N PHE A 19 3.61 20.85 0.75
CA PHE A 19 4.53 20.32 -0.23
C PHE A 19 5.98 20.66 0.11
N SER A 20 6.22 21.90 0.51
CA SER A 20 7.56 22.34 0.84
C SER A 20 8.15 21.57 2.02
N THR A 21 7.35 21.41 3.08
CA THR A 21 7.80 20.68 4.26
C THR A 21 8.13 19.24 3.85
N PHE A 22 7.24 18.64 3.05
CA PHE A 22 7.44 17.27 2.58
C PHE A 22 8.71 17.15 1.73
N GLN A 23 8.86 18.06 0.77
CA GLN A 23 10.02 18.05 -0.12
C GLN A 23 11.34 18.18 0.64
N ARG A 24 11.40 19.06 1.63
CA ARG A 24 12.62 19.25 2.42
C ARG A 24 12.95 17.97 3.19
N LEU A 25 11.93 17.29 3.71
CA LEU A 25 12.16 16.06 4.45
C LEU A 25 12.76 14.99 3.54
N LEU A 26 12.30 14.92 2.29
CA LEU A 26 12.86 13.95 1.36
C LEU A 26 14.31 14.31 1.03
N GLN A 27 14.59 15.60 0.95
CA GLN A 27 15.93 16.04 0.64
C GLN A 27 16.89 15.73 1.78
N ARG A 28 16.41 15.80 3.02
CA ARG A 28 17.25 15.49 4.17
C ARG A 28 17.62 14.01 4.20
N GLU A 29 16.80 13.16 3.57
CA GLU A 29 17.09 11.73 3.52
C GLU A 29 17.88 11.34 2.28
N GLY A 30 18.15 12.32 1.44
CA GLY A 30 18.92 12.05 0.23
C GLY A 30 18.18 11.31 -0.87
N VAL A 31 16.85 11.46 -0.92
CA VAL A 31 16.06 10.79 -1.94
C VAL A 31 16.45 11.29 -3.34
N VAL A 32 16.69 10.37 -4.25
CA VAL A 32 17.09 10.73 -5.61
C VAL A 32 15.96 10.64 -6.63
N ASN A 33 14.82 10.06 -6.22
CA ASN A 33 13.69 9.96 -7.13
C ASN A 33 13.26 11.37 -7.54
N PRO A 34 13.05 11.60 -8.85
CA PRO A 34 12.62 12.94 -9.23
C PRO A 34 11.19 13.16 -8.76
N ILE A 35 10.94 14.33 -8.18
CA ILE A 35 9.62 14.67 -7.67
C ILE A 35 8.90 15.63 -8.61
N TYR A 36 7.70 15.25 -9.03
CA TYR A 36 6.89 16.08 -9.89
C TYR A 36 5.66 16.49 -9.10
N ARG A 37 5.30 17.77 -9.15
CA ARG A 37 4.15 18.25 -8.40
C ARG A 37 3.00 18.76 -9.26
N CYS A 38 1.78 18.39 -8.87
CA CYS A 38 0.57 18.89 -9.52
C CYS A 38 -0.23 19.52 -8.38
N ILE A 39 -0.86 20.65 -8.65
CA ILE A 39 -1.65 21.35 -7.64
C ILE A 39 -3.13 21.07 -7.78
N THR A 40 -3.62 20.95 -9.02
CA THR A 40 -5.04 20.70 -9.25
C THR A 40 -5.29 19.28 -9.75
N GLY A 41 -6.53 18.83 -9.62
CA GLY A 41 -6.87 17.51 -10.09
C GLY A 41 -6.82 17.49 -11.60
N ASP A 42 -7.15 18.62 -12.22
CA ASP A 42 -7.13 18.72 -13.67
C ASP A 42 -5.72 18.53 -14.19
N GLN A 43 -4.73 19.07 -13.47
CA GLN A 43 -3.34 18.89 -13.88
C GLN A 43 -2.93 17.44 -13.71
N ALA A 44 -3.33 16.84 -12.60
CA ALA A 44 -2.97 15.44 -12.32
C ALA A 44 -3.46 14.52 -13.42
N LEU A 45 -4.72 14.68 -13.83
CA LEU A 45 -5.27 13.84 -14.89
C LEU A 45 -4.58 14.10 -16.23
N ASP A 46 -4.36 15.38 -16.56
CA ASP A 46 -3.71 15.73 -17.81
C ASP A 46 -2.30 15.13 -17.86
N PHE A 47 -1.59 15.22 -16.74
CA PHE A 47 -0.24 14.70 -16.58
C PHE A 47 -0.20 13.17 -16.75
N LEU A 48 -1.10 12.46 -16.08
CA LEU A 48 -1.14 11.02 -16.16
C LEU A 48 -1.59 10.48 -17.52
N TYR A 49 -2.56 11.13 -18.13
CA TYR A 49 -3.07 10.71 -19.44
C TYR A 49 -2.26 11.29 -20.59
N GLN A 50 -1.32 12.17 -20.26
CA GLN A 50 -0.48 12.84 -21.25
C GLN A 50 -1.34 13.50 -22.32
N THR A 51 -2.43 14.10 -21.86
CA THR A 51 -3.39 14.76 -22.73
C THR A 51 -2.80 16.02 -23.37
N GLY A 52 -1.99 16.72 -22.61
CA GLY A 52 -1.34 17.92 -23.14
C GLY A 52 -2.13 19.22 -23.17
N SER A 53 -3.31 19.25 -22.56
CA SER A 53 -4.09 20.47 -22.55
C SER A 53 -3.71 21.41 -21.42
N TYR A 54 -3.16 20.85 -20.34
CA TYR A 54 -2.73 21.63 -19.17
C TYR A 54 -1.24 21.50 -18.83
N CYS A 55 -0.63 20.40 -19.26
CA CYS A 55 0.79 20.15 -18.98
C CYS A 55 1.46 19.57 -20.23
N ASN A 56 2.67 20.01 -20.53
CA ASN A 56 3.39 19.47 -21.69
C ASN A 56 3.73 18.02 -21.37
N PRO A 57 3.19 17.07 -22.16
CA PRO A 57 3.46 15.64 -21.91
C PRO A 57 4.92 15.21 -22.01
N ASP A 58 5.71 15.93 -22.81
CA ASP A 58 7.11 15.62 -22.99
C ASP A 58 7.95 15.70 -21.71
N ILE A 59 7.51 16.51 -20.76
CA ILE A 59 8.25 16.63 -19.50
C ILE A 59 7.40 16.09 -18.35
N ALA A 60 6.50 15.17 -18.68
CA ALA A 60 5.62 14.54 -17.69
C ALA A 60 5.76 13.02 -17.80
N PRO A 61 6.83 12.46 -17.23
CA PRO A 61 7.03 11.01 -17.29
C PRO A 61 6.00 10.29 -16.43
N ARG A 62 5.76 9.02 -16.74
CA ARG A 62 4.81 8.23 -15.98
C ARG A 62 5.44 7.98 -14.60
N PRO A 63 4.70 8.31 -13.53
CA PRO A 63 5.27 8.08 -12.20
C PRO A 63 5.22 6.62 -11.78
N ALA A 64 6.16 6.25 -10.90
CA ALA A 64 6.23 4.90 -10.37
C ALA A 64 5.30 4.80 -9.17
N VAL A 65 5.10 5.93 -8.49
CA VAL A 65 4.23 6.00 -7.32
C VAL A 65 3.55 7.37 -7.31
N ILE A 66 2.31 7.40 -6.83
CA ILE A 66 1.54 8.64 -6.75
C ILE A 66 1.12 8.93 -5.31
N LEU A 67 1.39 10.15 -4.85
CA LEU A 67 0.98 10.60 -3.51
C LEU A 67 -0.14 11.58 -3.85
N LEU A 68 -1.34 11.24 -3.44
CA LEU A 68 -2.51 12.04 -3.79
C LEU A 68 -3.38 12.55 -2.65
N ASP A 69 -3.65 13.86 -2.64
CA ASP A 69 -4.53 14.42 -1.63
C ASP A 69 -5.95 14.33 -2.20
N LEU A 70 -6.92 13.97 -1.36
CA LEU A 70 -8.30 13.88 -1.82
C LEU A 70 -8.87 15.28 -2.02
N ASN A 71 -8.39 16.24 -1.24
CA ASN A 71 -8.86 17.62 -1.34
C ASN A 71 -7.97 18.44 -2.27
N LEU A 72 -8.52 18.80 -3.43
CA LEU A 72 -7.76 19.57 -4.42
C LEU A 72 -8.64 20.57 -5.14
N PRO A 73 -8.04 21.67 -5.63
CA PRO A 73 -8.82 22.68 -6.35
C PRO A 73 -9.15 22.09 -7.73
N GLY A 74 -10.24 22.57 -8.33
CA GLY A 74 -10.64 22.05 -9.61
C GLY A 74 -11.22 20.67 -9.38
N THR A 75 -10.88 19.72 -10.24
CA THR A 75 -11.36 18.35 -10.04
C THR A 75 -10.66 17.87 -8.79
N ASP A 76 -11.40 17.35 -7.82
CA ASP A 76 -10.77 16.91 -6.58
C ASP A 76 -10.14 15.52 -6.66
N GLY A 77 -9.32 15.21 -5.67
CA GLY A 77 -8.61 13.95 -5.63
C GLY A 77 -9.48 12.71 -5.65
N ARG A 78 -10.69 12.82 -5.11
CA ARG A 78 -11.60 11.69 -5.08
C ARG A 78 -11.96 11.31 -6.50
N GLU A 79 -12.24 12.32 -7.33
CA GLU A 79 -12.58 12.07 -8.73
C GLU A 79 -11.34 11.61 -9.52
N VAL A 80 -10.17 12.14 -9.17
CA VAL A 80 -8.95 11.73 -9.84
C VAL A 80 -8.71 10.24 -9.60
N LEU A 81 -8.85 9.81 -8.36
CA LEU A 81 -8.65 8.41 -8.01
C LEU A 81 -9.60 7.50 -8.80
N GLN A 82 -10.87 7.86 -8.84
CA GLN A 82 -11.84 7.05 -9.54
C GLN A 82 -11.51 6.90 -11.02
N GLU A 83 -11.08 7.98 -11.65
CA GLU A 83 -10.71 7.95 -13.06
C GLU A 83 -9.50 7.06 -13.29
N ILE A 84 -8.48 7.22 -12.45
CA ILE A 84 -7.25 6.46 -12.53
C ILE A 84 -7.48 4.94 -12.48
N LYS A 85 -8.30 4.51 -11.52
CA LYS A 85 -8.55 3.09 -11.33
C LYS A 85 -9.42 2.45 -12.41
N GLN A 86 -9.87 3.25 -13.37
CA GLN A 86 -10.69 2.74 -14.46
C GLN A 86 -9.84 2.52 -15.71
N ASP A 87 -8.61 3.03 -15.69
CA ASP A 87 -7.71 2.89 -16.81
C ASP A 87 -6.86 1.63 -16.66
N GLU A 88 -6.83 0.80 -17.70
CA GLU A 88 -6.08 -0.44 -17.66
C GLU A 88 -4.60 -0.26 -17.32
N VAL A 89 -4.04 0.88 -17.71
CA VAL A 89 -2.64 1.16 -17.45
C VAL A 89 -2.38 1.88 -16.13
N LEU A 90 -3.07 3.00 -15.94
CA LEU A 90 -2.90 3.81 -14.75
C LEU A 90 -3.34 3.13 -13.44
N LYS A 91 -4.29 2.21 -13.52
CA LYS A 91 -4.77 1.54 -12.33
C LYS A 91 -3.69 0.71 -11.63
N LYS A 92 -2.60 0.42 -12.35
CA LYS A 92 -1.51 -0.36 -11.80
C LYS A 92 -0.53 0.46 -10.96
N ILE A 93 -0.55 1.77 -11.13
CA ILE A 93 0.36 2.63 -10.39
C ILE A 93 -0.04 2.76 -8.92
N PRO A 94 0.86 2.38 -8.00
CA PRO A 94 0.54 2.48 -6.57
C PRO A 94 0.14 3.90 -6.20
N VAL A 95 -1.02 4.04 -5.57
CA VAL A 95 -1.51 5.35 -5.13
C VAL A 95 -1.59 5.39 -3.61
N VAL A 96 -0.90 6.36 -3.03
CA VAL A 96 -0.93 6.53 -1.58
C VAL A 96 -1.71 7.81 -1.32
N ILE A 97 -2.80 7.70 -0.58
CA ILE A 97 -3.60 8.87 -0.25
C ILE A 97 -2.98 9.56 0.96
N MET A 98 -2.74 10.87 0.88
CA MET A 98 -2.20 11.61 2.03
C MET A 98 -3.01 12.89 2.05
N THR A 99 -3.88 12.98 3.05
CA THR A 99 -4.83 14.09 3.16
C THR A 99 -5.13 14.42 4.62
N THR A 100 -5.82 15.54 4.85
CA THR A 100 -6.19 15.91 6.20
C THR A 100 -7.49 15.22 6.57
N SER A 101 -8.20 14.71 5.56
CA SER A 101 -9.46 14.03 5.79
C SER A 101 -9.34 12.70 6.53
N SER A 102 -10.08 12.58 7.62
CA SER A 102 -10.09 11.35 8.40
C SER A 102 -11.51 10.81 8.41
N ASN A 103 -12.33 11.35 7.51
CA ASN A 103 -13.72 10.93 7.38
C ASN A 103 -13.83 9.44 7.03
N PRO A 104 -14.60 8.68 7.82
CA PRO A 104 -14.76 7.24 7.58
C PRO A 104 -15.22 6.93 6.16
N LYS A 105 -16.06 7.80 5.60
CA LYS A 105 -16.56 7.58 4.25
C LYS A 105 -15.44 7.66 3.22
N ASP A 106 -14.56 8.64 3.34
CA ASP A 106 -13.45 8.74 2.40
C ASP A 106 -12.55 7.52 2.50
N ILE A 107 -12.26 7.10 3.72
CA ILE A 107 -11.40 5.94 3.92
C ILE A 107 -12.00 4.70 3.29
N GLU A 108 -13.28 4.45 3.59
CA GLU A 108 -13.96 3.28 3.06
C GLU A 108 -13.97 3.28 1.52
N ILE A 109 -14.42 4.38 0.92
CA ILE A 109 -14.47 4.49 -0.53
C ILE A 109 -13.10 4.31 -1.17
N CYS A 110 -12.09 4.99 -0.64
CA CYS A 110 -10.75 4.87 -1.18
C CYS A 110 -10.28 3.43 -1.19
N TYR A 111 -10.40 2.73 -0.06
CA TYR A 111 -9.98 1.34 -0.03
C TYR A 111 -10.82 0.46 -0.94
N SER A 112 -12.05 0.87 -1.22
CA SER A 112 -12.92 0.10 -2.12
C SER A 112 -12.33 0.13 -3.54
N TYR A 113 -11.56 1.17 -3.84
CA TYR A 113 -10.92 1.31 -5.15
C TYR A 113 -9.49 0.78 -5.12
N SER A 114 -9.16 0.11 -4.02
CA SER A 114 -7.83 -0.46 -3.84
C SER A 114 -6.66 0.52 -3.93
N ILE A 115 -6.77 1.63 -3.21
CA ILE A 115 -5.65 2.56 -3.16
C ILE A 115 -4.61 1.67 -2.46
N SER A 116 -3.34 2.03 -2.50
CA SER A 116 -2.32 1.22 -1.82
C SER A 116 -2.39 1.37 -0.31
N SER A 117 -2.69 2.59 0.12
CA SER A 117 -2.78 2.90 1.55
C SER A 117 -3.27 4.33 1.76
N TYR A 118 -3.79 4.58 2.95
CA TYR A 118 -4.35 5.88 3.32
C TYR A 118 -3.56 6.47 4.49
N ILE A 119 -3.12 7.73 4.33
CA ILE A 119 -2.37 8.40 5.39
C ILE A 119 -2.99 9.75 5.73
N VAL A 120 -3.29 9.95 7.01
CA VAL A 120 -3.83 11.23 7.45
C VAL A 120 -2.62 12.09 7.79
N LYS A 121 -2.55 13.29 7.23
CA LYS A 121 -1.43 14.18 7.49
C LYS A 121 -1.35 14.56 8.97
N PRO A 122 -0.25 14.22 9.64
CA PRO A 122 -0.17 14.59 11.07
C PRO A 122 0.29 16.03 11.18
N LEU A 123 -0.24 16.76 12.16
CA LEU A 123 0.14 18.16 12.36
C LEU A 123 1.54 18.25 12.97
N GLU A 124 1.79 17.40 13.95
CA GLU A 124 3.06 17.39 14.67
C GLU A 124 4.29 17.10 13.81
N ILE A 125 5.31 17.93 13.94
CA ILE A 125 6.53 17.74 13.17
C ILE A 125 7.20 16.39 13.44
N ASP A 126 7.25 15.96 14.70
CA ASP A 126 7.89 14.68 14.99
C ASP A 126 7.15 13.55 14.28
N ARG A 127 5.82 13.58 14.36
CA ARG A 127 5.01 12.55 13.72
C ARG A 127 5.10 12.61 12.20
N LEU A 128 5.14 13.83 11.64
CA LEU A 128 5.25 13.99 10.20
C LEU A 128 6.60 13.45 9.71
N THR A 129 7.65 13.71 10.49
CA THR A 129 8.98 13.26 10.12
C THR A 129 9.03 11.73 10.08
N GLU A 130 8.50 11.09 11.12
CA GLU A 130 8.47 9.63 11.19
C GLU A 130 7.64 9.07 10.03
N THR A 131 6.52 9.74 9.75
CA THR A 131 5.65 9.32 8.65
C THR A 131 6.36 9.35 7.31
N VAL A 132 7.00 10.48 7.01
CA VAL A 132 7.70 10.61 5.74
C VAL A 132 8.91 9.69 5.64
N GLN A 133 9.66 9.56 6.73
CA GLN A 133 10.83 8.69 6.69
C GLN A 133 10.44 7.24 6.41
N THR A 134 9.32 6.81 6.99
CA THR A 134 8.85 5.45 6.79
C THR A 134 8.31 5.27 5.37
N PHE A 135 7.60 6.29 4.87
CA PHE A 135 7.06 6.26 3.51
C PHE A 135 8.22 6.07 2.54
N ILE A 136 9.31 6.79 2.77
CA ILE A 136 10.49 6.68 1.92
C ILE A 136 11.09 5.28 1.91
N LYS A 137 11.33 4.73 3.10
CA LYS A 137 11.91 3.41 3.18
C LYS A 137 11.02 2.35 2.55
N TYR A 138 9.72 2.44 2.81
CA TYR A 138 8.78 1.46 2.28
C TYR A 138 8.62 1.50 0.77
N TRP A 139 8.24 2.66 0.24
CA TRP A 139 8.00 2.80 -1.19
C TRP A 139 9.20 2.96 -2.10
N LEU A 140 10.20 3.70 -1.64
CA LEU A 140 11.34 3.95 -2.50
C LEU A 140 12.52 3.00 -2.35
N ASP A 141 12.49 2.16 -1.33
CA ASP A 141 13.58 1.21 -1.12
C ASP A 141 13.17 -0.26 -1.01
N ILE A 142 12.16 -0.56 -0.20
CA ILE A 142 11.74 -1.94 -0.02
C ILE A 142 10.85 -2.55 -1.10
N VAL A 143 9.71 -1.91 -1.37
CA VAL A 143 8.77 -2.40 -2.37
C VAL A 143 9.31 -2.49 -3.79
N VAL A 144 8.78 -3.47 -4.54
CA VAL A 144 9.13 -3.63 -5.94
C VAL A 144 7.94 -3.00 -6.65
N LEU A 145 8.20 -1.90 -7.35
CA LEU A 145 7.15 -1.18 -8.05
C LEU A 145 6.98 -1.70 -9.48
N PRO A 146 5.77 -1.62 -10.04
CA PRO A 146 5.60 -2.12 -11.40
C PRO A 146 6.44 -1.21 -12.29
N GLU A 147 6.91 -1.73 -13.42
CA GLU A 147 7.74 -0.94 -14.33
C GLU A 147 7.06 0.38 -14.66
N MET A 148 7.08 1.28 -13.69
CA MET A 148 6.48 2.61 -13.81
C MET A 148 4.95 2.57 -13.70
N GLY A 149 4.38 1.38 -13.77
CA GLY A 149 2.93 1.26 -13.68
C GLY A 149 2.26 1.29 -15.03
N ALA B 1 5.06 -1.04 23.22
CA ALA B 1 4.03 -1.69 22.36
C ALA B 1 3.75 -0.88 21.10
N VAL B 2 3.38 -1.57 20.03
CA VAL B 2 3.07 -0.94 18.76
C VAL B 2 1.87 -1.64 18.14
N GLY B 3 1.07 -0.89 17.38
CA GLY B 3 -0.08 -1.49 16.74
C GLY B 3 -1.41 -1.30 17.45
N ASN B 4 -2.41 -2.06 16.99
CA ASN B 4 -3.76 -1.99 17.52
C ASN B 4 -4.29 -3.41 17.73
N ALA B 5 -4.70 -3.72 18.96
CA ALA B 5 -5.20 -5.06 19.28
C ALA B 5 -6.52 -5.43 18.60
N THR B 6 -7.19 -4.45 18.00
CA THR B 6 -8.46 -4.71 17.33
C THR B 6 -8.32 -4.79 15.82
N GLN B 7 -7.08 -4.71 15.32
CA GLN B 7 -6.84 -4.77 13.87
C GLN B 7 -5.99 -5.99 13.52
N PRO B 8 -6.65 -7.13 13.25
CA PRO B 8 -5.92 -8.36 12.89
C PRO B 8 -5.13 -8.34 11.58
N LEU B 9 -4.04 -9.09 11.57
CA LEU B 9 -3.22 -9.24 10.39
C LEU B 9 -3.37 -10.71 9.99
N LEU B 10 -3.81 -10.94 8.76
CA LEU B 10 -3.94 -12.31 8.27
C LEU B 10 -2.70 -12.59 7.42
N VAL B 11 -1.97 -13.65 7.76
CA VAL B 11 -0.78 -14.02 7.03
C VAL B 11 -1.03 -15.35 6.33
N VAL B 12 -1.01 -15.34 5.01
CA VAL B 12 -1.24 -16.55 4.23
C VAL B 12 0.16 -16.99 3.79
N GLU B 13 0.71 -17.95 4.53
CA GLU B 13 2.07 -18.41 4.29
C GLU B 13 2.18 -19.88 4.68
N ASP B 14 2.62 -20.74 3.77
CA ASP B 14 2.73 -22.14 4.11
C ASP B 14 4.09 -22.53 4.67
N SER B 15 5.08 -21.66 4.54
CA SER B 15 6.42 -21.96 5.07
C SER B 15 6.48 -21.75 6.58
N ASP B 16 6.68 -22.82 7.34
CA ASP B 16 6.74 -22.70 8.79
C ASP B 16 7.90 -21.80 9.26
N GLU B 17 9.06 -21.93 8.61
CA GLU B 17 10.21 -21.11 8.97
C GLU B 17 9.93 -19.64 8.70
N ASP B 18 9.47 -19.32 7.49
CA ASP B 18 9.19 -17.93 7.14
C ASP B 18 8.12 -17.32 8.05
N PHE B 19 7.03 -18.03 8.27
CA PHE B 19 5.98 -17.49 9.14
C PHE B 19 6.47 -17.29 10.56
N SER B 20 7.02 -18.34 11.15
CA SER B 20 7.46 -18.26 12.54
C SER B 20 8.50 -17.19 12.79
N THR B 21 9.42 -16.99 11.84
CA THR B 21 10.43 -15.95 12.02
C THR B 21 9.75 -14.58 11.88
N PHE B 22 8.79 -14.47 10.96
CA PHE B 22 8.06 -13.22 10.78
C PHE B 22 7.31 -12.88 12.07
N GLN B 23 6.62 -13.86 12.65
CA GLN B 23 5.88 -13.60 13.88
C GLN B 23 6.83 -13.18 15.00
N ARG B 24 7.97 -13.83 15.09
CA ARG B 24 8.94 -13.51 16.13
C ARG B 24 9.44 -12.07 15.98
N LEU B 25 9.60 -11.62 14.74
CA LEU B 25 10.04 -10.24 14.52
C LEU B 25 8.97 -9.27 15.00
N LEU B 26 7.70 -9.60 14.74
CA LEU B 26 6.63 -8.73 15.18
C LEU B 26 6.56 -8.71 16.72
N GLN B 27 6.76 -9.87 17.35
CA GLN B 27 6.70 -9.93 18.80
C GLN B 27 7.87 -9.20 19.44
N ARG B 28 9.03 -9.26 18.79
CA ARG B 28 10.21 -8.59 19.33
C ARG B 28 9.99 -7.07 19.31
N GLU B 29 9.23 -6.61 18.32
CA GLU B 29 8.95 -5.19 18.18
C GLU B 29 7.78 -4.75 19.06
N GLY B 30 7.16 -5.71 19.75
CA GLY B 30 6.04 -5.39 20.62
C GLY B 30 4.71 -5.18 19.93
N VAL B 31 4.52 -5.78 18.76
CA VAL B 31 3.26 -5.63 18.03
C VAL B 31 2.11 -6.32 18.76
N VAL B 32 1.03 -5.57 18.99
CA VAL B 32 -0.13 -6.11 19.70
C VAL B 32 -1.25 -6.61 18.79
N ASN B 33 -1.15 -6.36 17.48
CA ASN B 33 -2.18 -6.82 16.54
C ASN B 33 -2.25 -8.34 16.58
N PRO B 34 -3.46 -8.91 16.62
CA PRO B 34 -3.51 -10.37 16.63
C PRO B 34 -3.06 -10.87 15.25
N ILE B 35 -2.31 -11.96 15.23
CA ILE B 35 -1.79 -12.52 13.99
C ILE B 35 -2.45 -13.86 13.69
N TYR B 36 -3.20 -13.93 12.60
CA TYR B 36 -3.85 -15.18 12.21
C TYR B 36 -3.11 -15.73 10.99
N ARG B 37 -2.82 -17.02 11.00
CA ARG B 37 -2.10 -17.63 9.90
C ARG B 37 -2.91 -18.70 9.19
N CYS B 38 -2.92 -18.66 7.86
CA CYS B 38 -3.59 -19.67 7.06
C CYS B 38 -2.48 -20.30 6.23
N ILE B 39 -2.55 -21.61 5.99
CA ILE B 39 -1.49 -22.28 5.24
C ILE B 39 -1.79 -22.65 3.79
N THR B 40 -3.03 -22.46 3.34
CA THR B 40 -3.41 -22.76 1.97
C THR B 40 -4.39 -21.69 1.51
N GLY B 41 -4.57 -21.59 0.20
CA GLY B 41 -5.49 -20.60 -0.34
C GLY B 41 -6.92 -20.89 0.05
N ASP B 42 -7.31 -22.16 -0.01
CA ASP B 42 -8.68 -22.55 0.35
C ASP B 42 -8.98 -22.19 1.81
N GLN B 43 -8.01 -22.43 2.68
CA GLN B 43 -8.16 -22.13 4.09
C GLN B 43 -8.32 -20.62 4.29
N ALA B 44 -7.52 -19.83 3.58
CA ALA B 44 -7.61 -18.37 3.69
C ALA B 44 -8.97 -17.86 3.24
N LEU B 45 -9.49 -18.42 2.16
CA LEU B 45 -10.80 -18.01 1.66
C LEU B 45 -11.90 -18.36 2.67
N ASP B 46 -11.82 -19.55 3.26
CA ASP B 46 -12.82 -19.94 4.24
C ASP B 46 -12.78 -18.98 5.42
N PHE B 47 -11.57 -18.57 5.82
CA PHE B 47 -11.42 -17.65 6.94
C PHE B 47 -12.03 -16.29 6.60
N LEU B 48 -11.67 -15.76 5.43
CA LEU B 48 -12.18 -14.46 5.01
C LEU B 48 -13.69 -14.44 4.78
N TYR B 49 -14.24 -15.51 4.22
CA TYR B 49 -15.67 -15.58 4.00
C TYR B 49 -16.37 -16.01 5.28
N GLN B 50 -15.58 -16.44 6.25
CA GLN B 50 -16.11 -16.89 7.52
C GLN B 50 -17.05 -18.06 7.29
N THR B 51 -16.56 -19.04 6.54
CA THR B 51 -17.33 -20.25 6.25
C THR B 51 -16.49 -21.46 6.65
N GLY B 52 -17.04 -22.65 6.49
CA GLY B 52 -16.32 -23.85 6.85
C GLY B 52 -16.04 -23.93 8.34
N SER B 53 -14.76 -24.05 8.70
CA SER B 53 -14.36 -24.14 10.11
C SER B 53 -14.34 -22.81 10.82
N TYR B 54 -14.28 -21.72 10.06
CA TYR B 54 -14.26 -20.38 10.65
C TYR B 54 -15.66 -19.80 10.55
N CYS B 55 -16.63 -20.57 11.06
CA CYS B 55 -18.03 -20.22 11.04
C CYS B 55 -18.47 -19.17 12.06
N ASN B 56 -17.66 -18.93 13.09
CA ASN B 56 -18.03 -17.95 14.11
C ASN B 56 -17.22 -16.65 14.03
N PRO B 57 -17.83 -15.59 13.48
CA PRO B 57 -17.19 -14.28 13.33
C PRO B 57 -16.44 -13.78 14.57
N ASP B 58 -16.91 -14.18 15.75
CA ASP B 58 -16.28 -13.76 16.99
C ASP B 58 -14.91 -14.42 17.14
N ILE B 59 -14.75 -15.59 16.53
CA ILE B 59 -13.51 -16.34 16.60
C ILE B 59 -12.56 -15.93 15.47
N ALA B 60 -13.13 -15.65 14.31
CA ALA B 60 -12.34 -15.26 13.15
C ALA B 60 -12.72 -13.87 12.66
N PRO B 61 -12.30 -12.83 13.39
CA PRO B 61 -12.62 -11.46 13.00
C PRO B 61 -11.98 -11.12 11.65
N ARG B 62 -12.56 -10.16 10.94
CA ARG B 62 -12.02 -9.77 9.64
C ARG B 62 -10.69 -9.05 9.84
N PRO B 63 -9.66 -9.47 9.10
CA PRO B 63 -8.35 -8.83 9.23
C PRO B 63 -8.40 -7.44 8.61
N ALA B 64 -7.53 -6.55 9.09
CA ALA B 64 -7.47 -5.18 8.58
C ALA B 64 -6.43 -5.07 7.48
N VAL B 65 -5.59 -6.09 7.37
CA VAL B 65 -4.55 -6.14 6.35
C VAL B 65 -4.16 -7.59 6.11
N ILE B 66 -3.78 -7.91 4.88
CA ILE B 66 -3.40 -9.27 4.51
C ILE B 66 -2.01 -9.33 3.91
N LEU B 67 -1.20 -10.26 4.42
CA LEU B 67 0.14 -10.48 3.90
C LEU B 67 -0.01 -11.83 3.19
N LEU B 68 0.19 -11.82 1.88
CA LEU B 68 -0.03 -13.02 1.09
C LEU B 68 1.14 -13.48 0.24
N ASP B 69 1.41 -14.77 0.27
CA ASP B 69 2.46 -15.32 -0.57
C ASP B 69 1.71 -15.82 -1.81
N LEU B 70 2.24 -15.57 -2.99
CA LEU B 70 1.60 -16.01 -4.23
C LEU B 70 1.62 -17.52 -4.38
N ASN B 71 2.66 -18.13 -3.85
CA ASN B 71 2.86 -19.58 -3.92
C ASN B 71 2.23 -20.26 -2.70
N LEU B 72 1.19 -21.04 -2.92
CA LEU B 72 0.49 -21.74 -1.84
C LEU B 72 0.00 -23.12 -2.27
N PRO B 73 -0.22 -24.02 -1.30
CA PRO B 73 -0.68 -25.39 -1.54
C PRO B 73 -2.13 -25.46 -2.04
N GLY B 74 -2.31 -25.80 -3.31
CA GLY B 74 -3.64 -25.88 -3.87
C GLY B 74 -3.99 -24.55 -4.52
N THR B 75 -5.09 -23.96 -4.10
CA THR B 75 -5.49 -22.67 -4.65
C THR B 75 -4.39 -21.69 -4.26
N ASP B 76 -3.59 -21.26 -5.23
CA ASP B 76 -2.50 -20.35 -4.94
C ASP B 76 -2.93 -18.92 -4.69
N GLY B 77 -1.99 -18.12 -4.18
CA GLY B 77 -2.26 -16.73 -3.87
C GLY B 77 -2.87 -15.89 -4.98
N ARG B 78 -2.41 -16.11 -6.20
CA ARG B 78 -2.93 -15.37 -7.35
C ARG B 78 -4.44 -15.54 -7.46
N GLU B 79 -4.92 -16.77 -7.25
CA GLU B 79 -6.34 -17.06 -7.33
C GLU B 79 -7.09 -16.47 -6.13
N VAL B 80 -6.45 -16.50 -4.96
CA VAL B 80 -7.06 -15.95 -3.76
C VAL B 80 -7.27 -14.45 -3.94
N LEU B 81 -6.22 -13.78 -4.42
CA LEU B 81 -6.26 -12.35 -4.64
C LEU B 81 -7.39 -11.95 -5.58
N GLN B 82 -7.45 -12.59 -6.73
CA GLN B 82 -8.50 -12.28 -7.70
C GLN B 82 -9.90 -12.45 -7.13
N GLU B 83 -10.10 -13.50 -6.32
CA GLU B 83 -11.43 -13.74 -5.76
C GLU B 83 -11.90 -12.72 -4.72
N ILE B 84 -11.04 -12.38 -3.76
CA ILE B 84 -11.45 -11.43 -2.73
C ILE B 84 -11.62 -10.01 -3.28
N LYS B 85 -10.93 -9.70 -4.37
CA LYS B 85 -11.03 -8.37 -4.94
C LYS B 85 -12.36 -8.21 -5.69
N GLN B 86 -13.10 -9.30 -5.84
CA GLN B 86 -14.40 -9.26 -6.50
C GLN B 86 -15.53 -9.19 -5.49
N ASP B 87 -15.18 -9.28 -4.21
CA ASP B 87 -16.16 -9.21 -3.13
C ASP B 87 -16.29 -7.78 -2.61
N GLU B 88 -17.52 -7.28 -2.54
CA GLU B 88 -17.80 -5.94 -2.06
C GLU B 88 -17.11 -5.57 -0.75
N VAL B 89 -17.17 -6.47 0.23
CA VAL B 89 -16.57 -6.20 1.52
C VAL B 89 -15.07 -6.49 1.57
N LEU B 90 -14.69 -7.70 1.18
CA LEU B 90 -13.29 -8.09 1.22
C LEU B 90 -12.33 -7.29 0.34
N LYS B 91 -12.82 -6.75 -0.78
CA LYS B 91 -11.94 -6.01 -1.67
C LYS B 91 -11.31 -4.78 -1.01
N LYS B 92 -11.88 -4.33 0.11
CA LYS B 92 -11.35 -3.15 0.80
C LYS B 92 -10.08 -3.43 1.61
N ILE B 93 -9.85 -4.70 1.93
CA ILE B 93 -8.67 -5.05 2.72
C ILE B 93 -7.38 -4.97 1.92
N PRO B 94 -6.44 -4.11 2.36
CA PRO B 94 -5.18 -4.00 1.61
C PRO B 94 -4.42 -5.32 1.63
N VAL B 95 -3.92 -5.70 0.46
CA VAL B 95 -3.16 -6.94 0.33
C VAL B 95 -1.71 -6.64 0.00
N VAL B 96 -0.80 -7.15 0.83
CA VAL B 96 0.62 -6.98 0.60
C VAL B 96 1.18 -8.34 0.20
N ILE B 97 1.80 -8.39 -0.97
CA ILE B 97 2.41 -9.63 -1.44
C ILE B 97 3.84 -9.69 -0.92
N MET B 98 4.21 -10.81 -0.31
CA MET B 98 5.58 -11.00 0.18
C MET B 98 5.85 -12.44 -0.23
N THR B 99 6.60 -12.59 -1.32
CA THR B 99 6.89 -13.89 -1.89
C THR B 99 8.31 -13.98 -2.44
N THR B 100 8.73 -15.19 -2.80
CA THR B 100 10.07 -15.41 -3.33
C THR B 100 10.10 -14.97 -4.79
N SER B 101 8.96 -15.08 -5.46
CA SER B 101 8.85 -14.71 -6.87
C SER B 101 9.24 -13.25 -7.11
N SER B 102 10.19 -13.05 -8.02
CA SER B 102 10.64 -11.70 -8.36
C SER B 102 10.54 -11.54 -9.87
N ASN B 103 9.77 -12.40 -10.52
CA ASN B 103 9.62 -12.33 -11.97
C ASN B 103 8.61 -11.25 -12.35
N PRO B 104 8.96 -10.42 -13.34
CA PRO B 104 8.16 -9.31 -13.87
C PRO B 104 6.68 -9.60 -14.15
N LYS B 105 6.37 -10.80 -14.63
CA LYS B 105 4.98 -11.15 -14.95
C LYS B 105 4.08 -11.15 -13.71
N ASP B 106 4.48 -11.85 -12.66
CA ASP B 106 3.69 -11.88 -11.43
C ASP B 106 3.54 -10.46 -10.90
N ILE B 107 4.64 -9.73 -10.88
CA ILE B 107 4.62 -8.35 -10.39
C ILE B 107 3.63 -7.46 -11.16
N GLU B 108 3.78 -7.41 -12.47
CA GLU B 108 2.87 -6.58 -13.28
C GLU B 108 1.42 -7.00 -13.10
N ILE B 109 1.16 -8.29 -13.20
CA ILE B 109 -0.18 -8.82 -13.07
C ILE B 109 -0.76 -8.59 -11.68
N CYS B 110 0.04 -8.83 -10.64
CA CYS B 110 -0.42 -8.62 -9.28
C CYS B 110 -0.90 -7.19 -9.10
N TYR B 111 -0.10 -6.24 -9.57
CA TYR B 111 -0.50 -4.84 -9.45
C TYR B 111 -1.76 -4.61 -10.29
N SER B 112 -1.93 -5.41 -11.33
CA SER B 112 -3.12 -5.28 -12.17
C SER B 112 -4.30 -5.87 -11.40
N TYR B 113 -4.02 -6.85 -10.55
CA TYR B 113 -5.08 -7.48 -9.77
C TYR B 113 -5.39 -6.79 -8.44
N SER B 114 -4.99 -5.53 -8.35
CA SER B 114 -5.27 -4.68 -7.20
C SER B 114 -4.50 -4.80 -5.87
N ILE B 115 -3.28 -5.31 -5.89
CA ILE B 115 -2.53 -5.38 -4.62
C ILE B 115 -2.05 -4.00 -4.21
N SER B 116 -1.74 -3.85 -2.92
CA SER B 116 -1.24 -2.58 -2.40
C SER B 116 0.23 -2.42 -2.76
N SER B 117 1.01 -3.47 -2.47
CA SER B 117 2.43 -3.45 -2.73
C SER B 117 3.00 -4.85 -2.83
N TYR B 118 4.18 -4.93 -3.43
CA TYR B 118 4.86 -6.21 -3.65
C TYR B 118 6.23 -6.20 -2.98
N ILE B 119 6.48 -7.21 -2.15
CA ILE B 119 7.76 -7.32 -1.45
C ILE B 119 8.41 -8.66 -1.73
N VAL B 120 9.65 -8.65 -2.19
CA VAL B 120 10.39 -9.87 -2.44
C VAL B 120 11.02 -10.29 -1.12
N LYS B 121 10.85 -11.56 -0.77
CA LYS B 121 11.41 -12.08 0.47
C LYS B 121 12.93 -11.95 0.56
N PRO B 122 13.43 -11.30 1.61
CA PRO B 122 14.87 -11.11 1.82
C PRO B 122 15.49 -12.46 2.19
N LEU B 123 16.75 -12.66 1.85
CA LEU B 123 17.42 -13.93 2.16
C LEU B 123 18.21 -13.88 3.47
N GLU B 124 18.81 -12.73 3.76
CA GLU B 124 19.61 -12.56 4.97
C GLU B 124 18.75 -12.01 6.10
N ILE B 125 18.98 -12.52 7.31
CA ILE B 125 18.20 -12.10 8.48
C ILE B 125 18.30 -10.60 8.78
N ASP B 126 19.45 -9.99 8.47
CA ASP B 126 19.64 -8.56 8.71
C ASP B 126 18.69 -7.71 7.87
N ARG B 127 18.62 -8.00 6.57
CA ARG B 127 17.74 -7.26 5.68
C ARG B 127 16.29 -7.61 5.97
N LEU B 128 16.01 -8.88 6.27
CA LEU B 128 14.64 -9.29 6.58
C LEU B 128 14.17 -8.51 7.81
N THR B 129 15.04 -8.40 8.81
CA THR B 129 14.69 -7.68 10.03
C THR B 129 14.32 -6.22 9.73
N GLU B 130 15.18 -5.57 8.96
CA GLU B 130 14.95 -4.17 8.60
C GLU B 130 13.67 -4.03 7.78
N THR B 131 13.46 -4.97 6.86
CA THR B 131 12.28 -4.94 6.00
C THR B 131 11.00 -5.10 6.82
N VAL B 132 11.00 -6.05 7.75
CA VAL B 132 9.83 -6.28 8.57
C VAL B 132 9.59 -5.12 9.53
N GLN B 133 10.66 -4.53 10.06
CA GLN B 133 10.50 -3.40 10.96
C GLN B 133 9.82 -2.25 10.22
N THR B 134 10.16 -2.05 8.95
CA THR B 134 9.53 -0.98 8.18
C THR B 134 8.08 -1.36 7.87
N PHE B 135 7.84 -2.64 7.57
CA PHE B 135 6.48 -3.10 7.30
C PHE B 135 5.61 -2.80 8.52
N ILE B 136 6.11 -3.11 9.71
CA ILE B 136 5.38 -2.88 10.95
C ILE B 136 5.03 -1.41 11.14
N LYS B 137 6.04 -0.55 11.05
CA LYS B 137 5.83 0.88 11.23
C LYS B 137 4.80 1.42 10.25
N TYR B 138 4.98 1.08 8.98
CA TYR B 138 4.08 1.58 7.96
C TYR B 138 2.64 1.13 8.11
N TRP B 139 2.43 -0.18 8.12
CA TRP B 139 1.10 -0.75 8.19
C TRP B 139 0.37 -0.75 9.52
N LEU B 140 1.10 -0.98 10.60
CA LEU B 140 0.46 -1.06 11.91
C LEU B 140 0.47 0.21 12.74
N ASP B 141 1.26 1.20 12.35
CA ASP B 141 1.34 2.44 13.11
C ASP B 141 0.99 3.68 12.30
N ILE B 142 1.60 3.82 11.13
CA ILE B 142 1.36 5.00 10.31
C ILE B 142 0.05 5.04 9.52
N VAL B 143 -0.16 4.05 8.67
CA VAL B 143 -1.35 4.00 7.83
C VAL B 143 -2.67 3.88 8.59
N VAL B 144 -3.73 4.44 8.00
CA VAL B 144 -5.06 4.33 8.58
C VAL B 144 -5.67 3.17 7.80
N LEU B 145 -5.91 2.06 8.48
CA LEU B 145 -6.47 0.86 7.84
C LEU B 145 -7.99 0.98 7.69
N PRO B 146 -8.58 0.23 6.75
CA PRO B 146 -10.03 0.30 6.57
C PRO B 146 -10.76 -0.32 7.76
N GLU B 147 -11.98 0.14 8.02
CA GLU B 147 -12.76 -0.38 9.14
C GLU B 147 -13.48 -1.64 8.68
N MET B 148 -12.92 -2.79 9.06
CA MET B 148 -13.50 -4.08 8.69
C MET B 148 -14.45 -4.65 9.73
N GLY B 149 -14.56 -3.97 10.86
CA GLY B 149 -15.46 -4.45 11.90
C GLY B 149 -16.85 -3.88 11.73
C1 BME C . 2.57 20.33 -13.55
C2 BME C . 2.78 20.85 -14.98
O1 BME C . 3.53 20.02 -12.85
S2 BME C . 1.33 21.59 -15.73
#